data_3OYY
#
_entry.id   3OYY
#
_cell.length_a   38.852
_cell.length_b   51.986
_cell.length_c   67.581
_cell.angle_alpha   90.19
_cell.angle_beta   99.52
_cell.angle_gamma   104.57
#
_symmetry.space_group_name_H-M   'P 1'
#
loop_
_entity.id
_entity.type
_entity.pdbx_description
1 polymer 'Elongation factor P'
2 non-polymer 'PHOSPHATE ION'
3 water water
#
_entity_poly.entity_id   1
_entity_poly.type   'polypeptide(L)'
_entity_poly.pdbx_seq_one_letter_code
;MASMKTAQEFRAGQVANINGAPWVIQKAEFNKSGRNAAVVKMKLKNLLTGAGTETVFKADDKLEPIILDRKEVTYSYFAD
PLYVFMDSEFNQYEIEKDDLEGVLTFIEDGMTDICEAVFYNDKVISVELPTTIVRQIAYTEPAVRGDTSGKVMKTARLNN
GAELQVSAFCEIGDSIEIDTRTGEYKSRVKA
;
_entity_poly.pdbx_strand_id   A,B
#
# COMPACT_ATOMS: atom_id res chain seq x y z
N MET A 1 -2.53 -20.56 -0.15
CA MET A 1 -1.75 -19.95 0.96
C MET A 1 -2.20 -18.50 1.33
N ALA A 2 -2.48 -17.62 0.32
CA ALA A 2 -3.08 -16.27 0.58
C ALA A 2 -4.46 -16.14 -0.04
N SER A 3 -5.34 -15.39 0.62
CA SER A 3 -6.70 -15.16 0.13
C SER A 3 -6.70 -14.33 -1.15
N MET A 4 -7.70 -14.51 -2.02
CA MET A 4 -7.80 -13.69 -3.26
C MET A 4 -7.96 -12.19 -2.89
N LYS A 5 -7.44 -11.32 -3.76
CA LYS A 5 -7.66 -9.90 -3.64
C LYS A 5 -7.86 -9.32 -5.03
N THR A 6 -8.28 -8.07 -5.09
CA THR A 6 -8.65 -7.51 -6.40
C THR A 6 -7.41 -7.00 -7.11
N ALA A 7 -7.46 -7.00 -8.45
CA ALA A 7 -6.35 -6.51 -9.27
C ALA A 7 -5.79 -5.17 -8.83
N GLN A 8 -6.66 -4.24 -8.43
CA GLN A 8 -6.19 -2.91 -8.03
C GLN A 8 -5.34 -2.92 -6.76
N GLU A 9 -5.43 -3.99 -5.96
CA GLU A 9 -4.62 -4.12 -4.71
C GLU A 9 -3.19 -4.61 -4.92
N PHE A 10 -2.84 -5.05 -6.15
CA PHE A 10 -1.51 -5.56 -6.42
C PHE A 10 -0.55 -4.43 -6.77
N ARG A 11 0.65 -4.57 -6.28
CA ARG A 11 1.74 -3.69 -6.69
C ARG A 11 2.99 -4.38 -7.17
N ALA A 12 3.85 -3.58 -7.76
CA ALA A 12 5.10 -4.14 -8.25
C ALA A 12 5.87 -4.97 -7.22
N GLY A 13 6.40 -6.10 -7.71
CA GLY A 13 7.10 -7.10 -6.96
C GLY A 13 6.24 -8.16 -6.30
N GLN A 14 4.92 -7.95 -6.27
CA GLN A 14 4.04 -8.97 -5.71
C GLN A 14 3.84 -9.97 -6.85
N VAL A 15 3.24 -11.09 -6.52
CA VAL A 15 3.13 -12.26 -7.48
C VAL A 15 1.66 -12.70 -7.50
N ALA A 16 1.09 -12.97 -8.68
CA ALA A 16 -0.30 -13.38 -8.78
C ALA A 16 -0.32 -14.70 -9.53
N ASN A 17 -1.24 -15.55 -9.12
CA ASN A 17 -1.50 -16.80 -9.80
C ASN A 17 -2.42 -16.48 -10.99
N ILE A 18 -1.94 -16.75 -12.19
CA ILE A 18 -2.75 -16.55 -13.40
C ILE A 18 -2.63 -17.93 -14.10
N ASN A 19 -3.78 -18.58 -14.19
CA ASN A 19 -3.93 -19.89 -14.83
C ASN A 19 -3.17 -21.04 -14.17
N GLY A 20 -2.74 -20.78 -12.92
CA GLY A 20 -1.91 -21.73 -12.20
C GLY A 20 -0.42 -21.47 -12.27
N ALA A 21 0.04 -20.43 -12.98
CA ALA A 21 1.46 -20.11 -13.00
C ALA A 21 1.68 -18.83 -12.17
N PRO A 22 2.84 -18.71 -11.51
CA PRO A 22 3.17 -17.48 -10.77
C PRO A 22 3.76 -16.38 -11.65
N TRP A 23 3.09 -15.24 -11.76
CA TRP A 23 3.60 -14.13 -12.59
C TRP A 23 3.96 -13.00 -11.66
N VAL A 24 5.18 -12.48 -11.79
CA VAL A 24 5.54 -11.36 -10.87
C VAL A 24 5.06 -10.06 -11.55
N ILE A 25 4.58 -9.11 -10.75
CA ILE A 25 4.17 -7.86 -11.33
C ILE A 25 5.38 -6.94 -11.45
N GLN A 26 5.70 -6.55 -12.67
CA GLN A 26 6.82 -5.64 -12.90
C GLN A 26 6.40 -4.17 -12.84
N LYS A 27 5.19 -3.89 -13.31
CA LYS A 27 4.60 -2.55 -13.28
C LYS A 27 3.09 -2.67 -13.16
N ALA A 28 2.45 -1.82 -12.40
CA ALA A 28 0.99 -1.71 -12.42
C ALA A 28 0.51 -0.27 -12.53
N GLU A 29 -0.50 -0.05 -13.37
CA GLU A 29 -1.03 1.30 -13.54
C GLU A 29 -2.55 1.31 -13.52
N PHE A 30 -3.11 2.06 -12.58
CA PHE A 30 -4.53 2.15 -12.38
C PHE A 30 -5.08 3.27 -13.28
N ASN A 31 -6.23 3.05 -13.85
CA ASN A 31 -6.91 4.10 -14.70
C ASN A 31 -8.39 4.07 -14.52
N LYS A 32 -9.01 5.25 -14.44
CA LYS A 32 -10.45 5.32 -14.33
C LYS A 32 -10.84 6.56 -15.12
N SER A 33 -11.58 6.35 -16.18
CA SER A 33 -12.06 7.44 -17.04
C SER A 33 -13.39 7.94 -16.49
N GLY A 34 -13.34 9.07 -15.79
CA GLY A 34 -14.54 9.67 -15.19
C GLY A 34 -15.27 8.69 -14.29
N ARG A 35 -16.49 8.30 -14.68
CA ARG A 35 -17.28 7.34 -13.90
C ARG A 35 -17.38 5.90 -14.48
N ASN A 36 -16.58 5.59 -15.49
CA ASN A 36 -16.51 4.21 -15.98
C ASN A 36 -15.74 3.36 -14.96
N ALA A 37 -15.93 2.04 -15.05
CA ALA A 37 -15.27 1.06 -14.19
C ALA A 37 -13.77 1.23 -14.35
N ALA A 38 -13.07 1.28 -13.22
CA ALA A 38 -11.62 1.36 -13.23
C ALA A 38 -10.97 0.07 -13.78
N VAL A 39 -9.78 0.23 -14.30
CA VAL A 39 -8.96 -0.86 -14.83
C VAL A 39 -7.51 -0.72 -14.34
N VAL A 40 -6.74 -1.78 -14.50
CA VAL A 40 -5.36 -1.80 -14.09
C VAL A 40 -4.56 -2.47 -15.20
N LYS A 41 -3.58 -1.74 -15.75
CA LYS A 41 -2.66 -2.31 -16.74
C LYS A 41 -1.44 -2.82 -16.01
N MET A 42 -1.09 -4.09 -16.23
CA MET A 42 0.07 -4.70 -15.57
C MET A 42 1.07 -5.26 -16.59
N LYS A 43 2.35 -5.02 -16.33
CA LYS A 43 3.44 -5.77 -16.95
C LYS A 43 3.84 -6.93 -16.01
N LEU A 44 3.88 -8.15 -16.53
CA LEU A 44 3.99 -9.38 -15.74
C LEU A 44 5.11 -10.24 -16.29
N LYS A 45 5.73 -11.01 -15.43
CA LYS A 45 6.76 -11.94 -15.89
C LYS A 45 6.53 -13.28 -15.23
N ASN A 46 6.48 -14.34 -16.03
CA ASN A 46 6.17 -15.67 -15.55
C ASN A 46 7.43 -16.20 -14.89
N LEU A 47 7.33 -16.51 -13.61
CA LEU A 47 8.53 -16.92 -12.84
C LEU A 47 9.09 -18.30 -13.22
N LEU A 48 8.26 -19.11 -13.89
CA LEU A 48 8.67 -20.47 -14.27
C LEU A 48 9.26 -20.50 -15.69
N THR A 49 8.86 -19.58 -16.55
CA THR A 49 9.30 -19.70 -17.96
C THR A 49 10.06 -18.47 -18.42
N GLY A 50 9.97 -17.39 -17.65
CA GLY A 50 10.56 -16.17 -18.12
C GLY A 50 9.80 -15.29 -19.10
N ALA A 51 8.66 -15.78 -19.59
CA ALA A 51 7.85 -15.05 -20.59
C ALA A 51 7.35 -13.75 -19.98
N GLY A 52 7.36 -12.66 -20.76
CA GLY A 52 6.79 -11.39 -20.31
C GLY A 52 5.48 -11.15 -21.04
N THR A 53 4.59 -10.39 -20.42
CA THR A 53 3.37 -9.98 -21.09
C THR A 53 2.82 -8.71 -20.44
N GLU A 54 2.00 -7.98 -21.18
CA GLU A 54 1.30 -6.81 -20.64
C GLU A 54 -0.17 -7.03 -20.87
N THR A 55 -0.99 -6.71 -19.88
CA THR A 55 -2.38 -6.89 -20.03
C THR A 55 -3.17 -5.93 -19.16
N VAL A 56 -4.45 -5.78 -19.47
CA VAL A 56 -5.34 -4.88 -18.70
C VAL A 56 -6.37 -5.71 -17.96
N PHE A 57 -6.47 -5.54 -16.64
CA PHE A 57 -7.50 -6.18 -15.80
C PHE A 57 -8.58 -5.22 -15.38
N LYS A 58 -9.80 -5.69 -15.10
CA LYS A 58 -10.77 -4.83 -14.40
C LYS A 58 -10.23 -4.63 -13.00
N ALA A 59 -10.42 -3.45 -12.40
CA ALA A 59 -9.79 -3.17 -11.09
C ALA A 59 -10.35 -4.12 -10.03
N ASP A 60 -11.58 -4.55 -10.22
CA ASP A 60 -12.22 -5.49 -9.27
C ASP A 60 -12.10 -7.02 -9.62
N ASP A 61 -11.36 -7.30 -10.68
CA ASP A 61 -11.03 -8.68 -11.01
C ASP A 61 -10.29 -9.37 -9.82
N LYS A 62 -10.73 -10.55 -9.39
CA LYS A 62 -10.03 -11.26 -8.30
C LYS A 62 -8.86 -12.09 -8.78
N LEU A 63 -7.74 -11.97 -8.08
CA LEU A 63 -6.53 -12.74 -8.32
C LEU A 63 -5.96 -13.25 -7.02
N GLU A 64 -5.46 -14.48 -7.07
CA GLU A 64 -4.75 -15.07 -5.91
C GLU A 64 -3.32 -14.57 -5.80
N PRO A 65 -2.96 -13.89 -4.68
CA PRO A 65 -1.56 -13.55 -4.56
C PRO A 65 -0.78 -14.79 -4.15
N ILE A 66 0.45 -14.86 -4.63
CA ILE A 66 1.34 -15.96 -4.30
C ILE A 66 2.36 -15.50 -3.29
N ILE A 67 2.63 -16.37 -2.32
CA ILE A 67 3.55 -16.06 -1.23
C ILE A 67 4.87 -16.79 -1.45
N LEU A 68 5.91 -16.08 -1.86
CA LEU A 68 7.17 -16.75 -2.15
C LEU A 68 7.87 -17.06 -0.83
N ASP A 69 8.64 -18.14 -0.81
CA ASP A 69 9.44 -18.50 0.38
C ASP A 69 10.70 -17.64 0.37
N ARG A 70 10.98 -16.98 1.49
CA ARG A 70 12.14 -16.12 1.63
C ARG A 70 12.98 -16.68 2.79
N LYS A 71 14.27 -16.89 2.54
CA LYS A 71 15.14 -17.50 3.56
C LYS A 71 16.48 -16.77 3.58
N GLU A 72 17.00 -16.55 4.78
CA GLU A 72 18.33 -15.99 4.91
C GLU A 72 19.33 -17.10 4.75
N VAL A 73 20.28 -16.91 3.87
CA VAL A 73 21.30 -17.95 3.61
C VAL A 73 22.68 -17.34 3.62
N THR A 74 23.68 -18.15 3.95
CA THR A 74 25.05 -17.72 3.73
C THR A 74 25.70 -18.58 2.70
N TYR A 75 26.68 -18.03 2.02
CA TYR A 75 27.38 -18.78 1.02
C TYR A 75 28.30 -19.78 1.69
N SER A 76 28.30 -21.01 1.20
CA SER A 76 29.08 -22.03 1.88
C SER A 76 30.38 -22.38 1.15
N TYR A 77 30.25 -22.94 -0.04
CA TYR A 77 31.41 -23.19 -0.89
C TYR A 77 30.94 -23.44 -2.30
N PHE A 78 31.89 -23.41 -3.22
CA PHE A 78 31.63 -23.76 -4.61
C PHE A 78 31.85 -25.24 -4.85
N ALA A 79 30.78 -25.98 -5.05
CA ALA A 79 30.92 -27.32 -5.54
C ALA A 79 31.12 -26.92 -7.00
N ASP A 80 31.32 -27.84 -7.92
CA ASP A 80 31.45 -27.40 -9.29
C ASP A 80 30.48 -28.27 -10.08
N PRO A 81 29.55 -27.66 -10.88
CA PRO A 81 29.29 -26.27 -11.27
C PRO A 81 28.40 -25.41 -10.32
N LEU A 82 27.83 -26.02 -9.29
CA LEU A 82 26.84 -25.33 -8.46
C LEU A 82 27.46 -24.62 -7.25
N TYR A 83 26.73 -23.62 -6.73
CA TYR A 83 27.17 -22.84 -5.57
C TYR A 83 26.34 -23.28 -4.40
N VAL A 84 27.02 -23.63 -3.31
CA VAL A 84 26.25 -24.14 -2.16
C VAL A 84 26.08 -23.01 -1.12
N PHE A 85 24.83 -22.80 -0.69
CA PHE A 85 24.41 -21.81 0.31
C PHE A 85 23.79 -22.61 1.45
N MET A 86 23.66 -22.02 2.65
CA MET A 86 23.16 -22.78 3.78
C MET A 86 22.33 -21.85 4.61
N ASP A 87 21.23 -22.35 5.17
CA ASP A 87 20.41 -21.52 6.02
C ASP A 87 20.83 -21.69 7.50
N SER A 88 20.14 -21.04 8.43
CA SER A 88 20.56 -21.05 9.85
C SER A 88 20.32 -22.41 10.54
N GLU A 89 19.54 -23.29 9.92
CA GLU A 89 19.33 -24.63 10.48
C GLU A 89 20.22 -25.65 9.77
N PHE A 90 21.20 -25.14 9.04
CA PHE A 90 22.18 -25.99 8.36
C PHE A 90 21.70 -26.77 7.15
N ASN A 91 20.52 -26.45 6.62
CA ASN A 91 20.07 -26.99 5.35
C ASN A 91 20.88 -26.41 4.17
N GLN A 92 21.25 -27.24 3.22
CA GLN A 92 22.03 -26.79 2.09
C GLN A 92 21.12 -26.57 0.89
N TYR A 93 21.50 -25.59 0.08
CA TYR A 93 20.86 -25.33 -1.21
C TYR A 93 21.91 -25.19 -2.29
N GLU A 94 21.75 -25.97 -3.37
CA GLU A 94 22.63 -25.93 -4.52
C GLU A 94 22.06 -24.99 -5.59
N ILE A 95 22.79 -23.94 -5.91
CA ILE A 95 22.32 -22.88 -6.79
C ILE A 95 23.16 -22.73 -8.07
N GLU A 96 22.46 -22.66 -9.21
CA GLU A 96 23.06 -22.48 -10.54
C GLU A 96 23.65 -21.09 -10.74
N LYS A 97 24.72 -21.00 -11.53
CA LYS A 97 25.35 -19.72 -11.84
C LYS A 97 24.33 -18.68 -12.32
N ASP A 98 23.40 -19.15 -13.15
CA ASP A 98 22.38 -18.32 -13.77
C ASP A 98 21.42 -17.66 -12.80
N ASP A 99 21.36 -18.17 -11.57
CA ASP A 99 20.49 -17.58 -10.57
C ASP A 99 21.22 -16.68 -9.57
N LEU A 100 22.46 -16.32 -9.86
CA LEU A 100 23.26 -15.49 -8.93
C LEU A 100 23.75 -14.16 -9.52
N GLU A 101 22.94 -13.55 -10.41
CA GLU A 101 23.27 -12.21 -10.93
C GLU A 101 23.29 -11.16 -9.80
N GLY A 102 24.30 -10.30 -9.84
CA GLY A 102 24.46 -9.25 -8.82
C GLY A 102 25.36 -9.76 -7.70
N VAL A 103 24.99 -10.92 -7.16
CA VAL A 103 25.74 -11.62 -6.13
C VAL A 103 27.11 -12.12 -6.60
N LEU A 104 27.15 -12.71 -7.80
CA LEU A 104 28.36 -13.35 -8.33
C LEU A 104 29.62 -12.47 -8.36
N THR A 105 29.46 -11.20 -8.73
CA THR A 105 30.61 -10.32 -8.81
C THR A 105 31.30 -10.17 -7.43
N PHE A 106 30.56 -10.33 -6.32
CA PHE A 106 31.16 -10.11 -5.00
C PHE A 106 31.23 -11.37 -4.13
N ILE A 107 30.94 -12.52 -4.72
CA ILE A 107 31.07 -13.82 -4.02
C ILE A 107 32.55 -14.06 -3.71
N GLU A 108 32.84 -14.53 -2.51
CA GLU A 108 34.25 -14.71 -2.13
C GLU A 108 34.29 -15.92 -1.19
N ASP A 109 35.38 -16.65 -1.14
CA ASP A 109 35.51 -17.74 -0.15
C ASP A 109 35.26 -17.21 1.22
N GLY A 110 34.48 -17.95 2.00
CA GLY A 110 34.29 -17.54 3.39
C GLY A 110 33.46 -16.30 3.59
N MET A 111 32.67 -15.93 2.57
CA MET A 111 31.78 -14.75 2.62
C MET A 111 30.86 -14.83 3.83
N THR A 112 30.79 -13.74 4.61
CA THR A 112 29.93 -13.71 5.83
C THR A 112 28.57 -13.05 5.60
N ASP A 113 28.46 -12.31 4.50
CA ASP A 113 27.21 -11.58 4.17
C ASP A 113 26.01 -12.48 4.13
N ILE A 114 24.95 -12.08 4.82
CA ILE A 114 23.70 -12.84 4.79
C ILE A 114 22.94 -12.41 3.54
N CYS A 115 22.64 -13.38 2.68
CA CYS A 115 21.88 -13.13 1.46
C CYS A 115 20.44 -13.49 1.66
N GLU A 116 19.57 -12.91 0.84
CA GLU A 116 18.20 -13.39 0.88
C GLU A 116 17.89 -14.20 -0.35
N ALA A 117 17.48 -15.44 -0.14
CA ALA A 117 17.16 -16.35 -1.23
C ALA A 117 15.65 -16.43 -1.34
N VAL A 118 15.14 -16.43 -2.56
CA VAL A 118 13.66 -16.37 -2.74
C VAL A 118 13.31 -17.56 -3.56
N PHE A 119 12.33 -18.33 -3.10
CA PHE A 119 11.95 -19.58 -3.75
C PHE A 119 10.46 -19.63 -4.15
N TYR A 120 10.18 -20.39 -5.20
CA TYR A 120 8.82 -20.85 -5.52
C TYR A 120 8.91 -22.36 -5.64
N ASN A 121 8.34 -23.08 -4.68
CA ASN A 121 8.32 -24.55 -4.69
C ASN A 121 9.66 -25.24 -5.05
N ASP A 122 10.76 -24.79 -4.45
CA ASP A 122 12.08 -25.39 -4.69
C ASP A 122 12.66 -25.08 -6.08
N LYS A 123 12.16 -24.00 -6.69
CA LYS A 123 12.88 -23.30 -7.76
C LYS A 123 13.41 -21.97 -7.20
N VAL A 124 14.69 -21.66 -7.48
CA VAL A 124 15.29 -20.42 -7.01
C VAL A 124 14.89 -19.29 -7.94
N ILE A 125 14.41 -18.21 -7.35
CA ILE A 125 13.93 -17.05 -8.10
C ILE A 125 14.95 -15.93 -8.09
N SER A 126 15.60 -15.72 -6.95
CA SER A 126 16.63 -14.67 -6.83
C SER A 126 17.50 -14.94 -5.61
N VAL A 127 18.75 -14.50 -5.67
CA VAL A 127 19.56 -14.38 -4.46
C VAL A 127 20.09 -12.95 -4.44
N GLU A 128 19.99 -12.27 -3.30
CA GLU A 128 20.51 -10.91 -3.24
C GLU A 128 21.36 -10.70 -2.01
N LEU A 129 22.50 -10.04 -2.24
CA LEU A 129 23.36 -9.53 -1.17
C LEU A 129 22.66 -8.44 -0.35
N PRO A 130 23.22 -8.09 0.82
CA PRO A 130 22.87 -6.87 1.57
C PRO A 130 23.07 -5.64 0.67
N THR A 131 22.33 -4.56 0.94
CA THR A 131 22.44 -3.39 0.06
C THR A 131 23.84 -2.72 0.15
N THR A 132 24.51 -2.84 1.29
CA THR A 132 25.91 -2.41 1.44
C THR A 132 26.73 -3.62 1.92
N ILE A 133 27.89 -3.80 1.31
CA ILE A 133 28.86 -4.82 1.78
C ILE A 133 30.23 -4.19 1.96
N VAL A 134 31.10 -4.89 2.66
CA VAL A 134 32.47 -4.41 2.88
C VAL A 134 33.46 -5.41 2.30
N ARG A 135 34.43 -4.89 1.54
CA ARG A 135 35.46 -5.75 0.93
C ARG A 135 36.83 -5.14 1.07
N GLN A 136 37.84 -6.00 1.21
CA GLN A 136 39.23 -5.56 1.32
C GLN A 136 39.87 -5.37 -0.05
N ILE A 137 40.74 -4.37 -0.16
CA ILE A 137 41.46 -4.19 -1.42
C ILE A 137 42.67 -5.13 -1.47
N ALA A 138 42.68 -6.01 -2.48
CA ALA A 138 43.79 -6.92 -2.77
C ALA A 138 44.96 -6.22 -3.46
N TYR A 139 44.64 -5.39 -4.45
CA TYR A 139 45.70 -4.69 -5.18
C TYR A 139 45.16 -3.36 -5.69
N THR A 140 45.95 -2.31 -5.50
CA THR A 140 45.72 -1.04 -6.20
C THR A 140 47.04 -0.26 -6.31
N GLU A 141 47.11 0.62 -7.30
CA GLU A 141 48.31 1.42 -7.57
C GLU A 141 48.36 2.59 -6.60
N PRO A 142 49.56 3.18 -6.36
CA PRO A 142 49.49 4.40 -5.55
C PRO A 142 48.78 5.55 -6.29
N ALA A 143 48.32 6.57 -5.57
CA ALA A 143 47.65 7.70 -6.20
C ALA A 143 48.56 8.32 -7.28
N VAL A 144 47.97 8.72 -8.42
CA VAL A 144 48.72 9.41 -9.47
C VAL A 144 49.22 10.78 -8.94
N ARG A 145 50.41 11.18 -9.37
CA ARG A 145 50.89 12.55 -9.13
C ARG A 145 50.29 13.50 -10.17
N GLY A 146 49.60 14.53 -9.69
CA GLY A 146 48.95 15.51 -10.56
C GLY A 146 47.43 15.43 -10.59
N ASP A 147 46.80 16.59 -10.45
CA ASP A 147 45.34 16.70 -10.51
C ASP A 147 44.90 17.99 -11.19
N THR A 148 43.57 18.15 -11.25
CA THR A 148 42.86 19.33 -11.74
C THR A 148 41.43 19.18 -11.18
N SER A 149 41.33 18.42 -10.09
CA SER A 149 40.08 18.13 -9.40
C SER A 149 39.10 17.44 -10.35
N VAL A 152 40.48 11.03 -10.59
CA VAL A 152 39.51 11.09 -9.49
C VAL A 152 39.36 9.67 -8.89
N MET A 153 39.02 8.69 -9.74
CA MET A 153 38.95 7.27 -9.31
C MET A 153 40.18 6.50 -9.82
N LYS A 154 40.50 5.36 -9.19
CA LYS A 154 41.50 4.46 -9.77
C LYS A 154 41.01 3.02 -9.56
N THR A 155 41.53 2.10 -10.37
CA THR A 155 41.07 0.72 -10.35
C THR A 155 41.69 -0.03 -9.16
N ALA A 156 40.88 -0.92 -8.61
CA ALA A 156 41.37 -1.79 -7.53
C ALA A 156 40.88 -3.20 -7.79
N ARG A 157 41.64 -4.17 -7.28
CA ARG A 157 41.21 -5.58 -7.30
C ARG A 157 40.76 -6.00 -5.93
N LEU A 158 39.69 -6.76 -5.86
CA LEU A 158 39.26 -7.32 -4.56
C LEU A 158 39.87 -8.72 -4.42
N ASN A 159 39.70 -9.37 -3.27
CA ASN A 159 40.25 -10.75 -3.00
C ASN A 159 39.79 -11.79 -4.00
N ASN A 160 38.58 -11.63 -4.51
CA ASN A 160 38.00 -12.59 -5.45
C ASN A 160 38.35 -12.30 -6.90
N GLY A 161 39.17 -11.30 -7.11
CA GLY A 161 39.58 -10.97 -8.47
C GLY A 161 38.75 -9.89 -9.13
N ALA A 162 37.64 -9.48 -8.50
CA ALA A 162 36.76 -8.45 -9.13
C ALA A 162 37.54 -7.14 -9.25
N GLU A 163 37.28 -6.37 -10.30
CA GLU A 163 37.86 -5.01 -10.33
C GLU A 163 36.80 -3.92 -10.25
N LEU A 164 37.12 -2.85 -9.54
CA LEU A 164 36.22 -1.77 -9.18
C LEU A 164 36.96 -0.47 -9.27
N GLN A 165 36.26 0.61 -9.65
CA GLN A 165 36.80 1.94 -9.43
C GLN A 165 36.61 2.36 -7.98
N VAL A 166 37.67 2.85 -7.35
CA VAL A 166 37.66 3.33 -5.96
C VAL A 166 38.34 4.70 -5.86
N SER A 167 38.19 5.35 -4.71
CA SER A 167 38.92 6.58 -4.39
C SER A 167 40.42 6.46 -4.66
N ALA A 168 41.00 7.53 -5.17
CA ALA A 168 42.44 7.62 -5.45
C ALA A 168 43.32 7.48 -4.20
N PHE A 169 42.77 7.77 -3.02
CA PHE A 169 43.57 7.67 -1.79
C PHE A 169 43.59 6.24 -1.20
N CYS A 170 42.90 5.31 -1.85
CA CYS A 170 42.82 3.91 -1.37
C CYS A 170 44.17 3.19 -1.41
N GLU A 171 44.40 2.31 -0.44
CA GLU A 171 45.66 1.63 -0.31
C GLU A 171 45.37 0.14 -0.28
N ILE A 172 46.36 -0.64 -0.72
CA ILE A 172 46.31 -2.09 -0.59
C ILE A 172 46.01 -2.43 0.84
N GLY A 173 45.03 -3.29 1.06
CA GLY A 173 44.68 -3.65 2.43
C GLY A 173 43.53 -2.89 3.07
N ASP A 174 43.22 -1.70 2.54
CA ASP A 174 42.05 -0.93 3.00
C ASP A 174 40.70 -1.64 2.75
N SER A 175 39.73 -1.33 3.60
CA SER A 175 38.37 -1.82 3.41
C SER A 175 37.51 -0.74 2.81
N ILE A 176 36.63 -1.16 1.92
CA ILE A 176 35.77 -0.23 1.23
C ILE A 176 34.34 -0.72 1.36
N GLU A 177 33.41 0.23 1.45
CA GLU A 177 32.00 -0.06 1.40
C GLU A 177 31.58 -0.05 -0.03
N ILE A 178 30.73 -0.98 -0.39
CA ILE A 178 30.30 -1.14 -1.76
C ILE A 178 28.78 -1.18 -1.78
N ASP A 179 28.16 -0.39 -2.67
CA ASP A 179 26.71 -0.45 -2.89
C ASP A 179 26.42 -1.59 -3.83
N THR A 180 25.69 -2.62 -3.37
CA THR A 180 25.51 -3.78 -4.25
C THR A 180 24.50 -3.56 -5.38
N ARG A 181 23.57 -2.63 -5.18
CA ARG A 181 22.61 -2.26 -6.22
C ARG A 181 23.32 -1.81 -7.49
N THR A 182 24.43 -1.09 -7.32
CA THR A 182 25.17 -0.55 -8.47
C THR A 182 26.55 -1.17 -8.73
N GLY A 183 27.00 -2.04 -7.83
CA GLY A 183 28.36 -2.54 -7.86
C GLY A 183 29.45 -1.50 -7.62
N GLU A 184 29.09 -0.32 -7.10
CA GLU A 184 30.05 0.78 -7.04
C GLU A 184 30.56 1.09 -5.66
N TYR A 185 31.82 1.52 -5.62
CA TYR A 185 32.42 2.03 -4.42
C TYR A 185 31.56 3.12 -3.80
N LYS A 186 31.58 3.20 -2.48
CA LYS A 186 31.04 4.36 -1.80
C LYS A 186 31.92 5.00 -0.70
N SER A 187 32.60 4.20 0.12
CA SER A 187 33.49 4.75 1.15
C SER A 187 34.64 3.81 1.50
N ARG A 188 35.71 4.36 2.07
CA ARG A 188 36.70 3.56 2.79
C ARG A 188 36.24 3.34 4.22
N VAL A 189 36.45 2.13 4.74
CA VAL A 189 36.17 1.81 6.14
C VAL A 189 37.28 0.96 6.75
N MET B 4 8.06 13.27 -3.13
CA MET B 4 8.03 11.89 -2.56
C MET B 4 8.60 11.91 -1.15
N LYS B 5 8.08 11.03 -0.29
CA LYS B 5 8.56 10.88 1.08
C LYS B 5 8.55 9.40 1.43
N THR B 6 9.21 8.97 2.48
CA THR B 6 9.23 7.53 2.70
C THR B 6 8.00 7.02 3.41
N ALA B 7 7.78 5.72 3.31
CA ALA B 7 6.56 5.12 3.87
C ALA B 7 6.41 5.40 5.39
N GLN B 8 7.51 5.39 6.11
CA GLN B 8 7.41 5.62 7.58
C GLN B 8 6.93 7.06 7.90
N GLU B 9 6.95 7.98 6.92
CA GLU B 9 6.54 9.37 7.25
C GLU B 9 5.02 9.57 7.11
N PHE B 10 4.33 8.56 6.58
CA PHE B 10 2.85 8.66 6.43
C PHE B 10 2.14 8.39 7.75
N ARG B 11 1.07 9.14 7.99
CA ARG B 11 0.18 8.94 9.14
C ARG B 11 -1.24 8.73 8.65
N ALA B 12 -2.06 8.11 9.49
CA ALA B 12 -3.46 7.91 9.15
C ALA B 12 -4.19 9.19 8.74
N GLY B 13 -4.92 9.09 7.66
CA GLY B 13 -5.62 10.17 6.99
C GLY B 13 -4.89 10.88 5.89
N GLN B 14 -3.61 10.54 5.72
CA GLN B 14 -2.84 11.07 4.64
C GLN B 14 -3.07 10.13 3.47
N VAL B 15 -2.65 10.58 2.31
CA VAL B 15 -3.04 9.82 1.09
C VAL B 15 -1.79 9.57 0.32
N ALA B 16 -1.65 8.38 -0.29
CA ALA B 16 -0.45 8.07 -1.05
C ALA B 16 -0.88 7.65 -2.44
N ASN B 17 -0.10 8.04 -3.42
CA ASN B 17 -0.27 7.59 -4.82
C ASN B 17 0.33 6.20 -4.92
N ILE B 18 -0.52 5.22 -5.20
CA ILE B 18 -0.06 3.86 -5.46
C ILE B 18 -0.65 3.48 -6.82
N ASN B 19 0.27 3.17 -7.73
CA ASN B 19 -0.11 2.77 -9.11
C ASN B 19 -0.92 3.87 -9.86
N GLY B 20 -0.92 5.12 -9.36
CA GLY B 20 -1.70 6.16 -9.95
C GLY B 20 -3.09 6.37 -9.39
N ALA B 21 -3.43 5.67 -8.31
CA ALA B 21 -4.70 5.86 -7.61
C ALA B 21 -4.36 6.49 -6.25
N PRO B 22 -5.26 7.34 -5.71
CA PRO B 22 -5.15 7.89 -4.35
C PRO B 22 -5.68 6.91 -3.28
N TRP B 23 -4.79 6.38 -2.45
CA TRP B 23 -5.21 5.53 -1.40
C TRP B 23 -5.08 6.31 -0.06
N VAL B 24 -6.15 6.34 0.69
CA VAL B 24 -6.06 6.99 2.05
C VAL B 24 -5.53 5.96 3.06
N ILE B 25 -4.67 6.43 3.97
CA ILE B 25 -4.11 5.57 4.99
C ILE B 25 -5.08 5.52 6.15
N GLN B 26 -5.59 4.35 6.43
CA GLN B 26 -6.50 4.22 7.55
C GLN B 26 -5.81 3.90 8.84
N LYS B 27 -4.70 3.19 8.71
CA LYS B 27 -3.85 2.77 9.86
C LYS B 27 -2.45 2.46 9.37
N ALA B 28 -1.46 2.82 10.19
CA ALA B 28 -0.09 2.58 9.88
C ALA B 28 0.59 2.11 11.14
N GLU B 29 1.31 1.00 11.06
CA GLU B 29 2.01 0.42 12.24
C GLU B 29 3.42 0.18 11.82
N PHE B 30 4.36 0.94 12.40
CA PHE B 30 5.79 0.74 12.22
C PHE B 30 6.29 -0.45 13.06
N ASN B 31 7.19 -1.24 12.48
CA ASN B 31 7.84 -2.36 13.20
C ASN B 31 9.28 -2.50 12.78
N LYS B 32 10.18 -2.63 13.75
CA LYS B 32 11.57 -2.96 13.46
C LYS B 32 11.97 -4.03 14.50
N SER B 33 12.13 -5.27 14.05
CA SER B 33 12.40 -6.40 14.95
C SER B 33 13.85 -6.48 15.43
N GLY B 34 14.69 -7.14 14.64
CA GLY B 34 16.11 -7.19 14.94
C GLY B 34 16.81 -6.05 14.24
N ARG B 35 18.06 -6.29 13.83
CA ARG B 35 18.84 -5.30 13.11
C ARG B 35 18.33 -5.12 11.68
N ASN B 36 17.63 -6.13 11.17
CA ASN B 36 16.99 -6.07 9.85
C ASN B 36 15.98 -4.91 9.68
N ALA B 37 15.85 -4.44 8.44
CA ALA B 37 15.16 -3.19 8.08
C ALA B 37 13.75 -3.03 8.65
N ALA B 38 13.39 -1.80 8.99
CA ALA B 38 12.07 -1.55 9.54
C ALA B 38 11.05 -1.63 8.39
N VAL B 39 9.85 -2.04 8.76
CA VAL B 39 8.64 -2.02 7.88
C VAL B 39 7.47 -1.24 8.47
N VAL B 40 6.44 -1.01 7.64
CA VAL B 40 5.23 -0.33 8.04
C VAL B 40 4.07 -1.12 7.43
N LYS B 41 3.20 -1.62 8.33
CA LYS B 41 1.99 -2.32 7.97
C LYS B 41 0.88 -1.28 7.82
N MET B 42 0.28 -1.20 6.63
CA MET B 42 -0.75 -0.17 6.48
C MET B 42 -2.09 -0.72 6.10
N LYS B 43 -3.16 -0.12 6.62
CA LYS B 43 -4.50 -0.36 6.10
C LYS B 43 -4.89 0.80 5.20
N LEU B 44 -5.27 0.50 3.96
CA LEU B 44 -5.55 1.55 2.98
C LEU B 44 -6.92 1.40 2.33
N LYS B 45 -7.45 2.52 1.85
CA LYS B 45 -8.70 2.53 1.08
C LYS B 45 -8.55 3.41 -0.17
N ASN B 46 -8.91 2.87 -1.34
CA ASN B 46 -8.81 3.63 -2.55
C ASN B 46 -9.96 4.64 -2.60
N LEU B 47 -9.62 5.91 -2.74
CA LEU B 47 -10.61 7.02 -2.73
C LEU B 47 -11.52 7.04 -3.94
N LEU B 48 -11.08 6.35 -5.02
CA LEU B 48 -11.83 6.32 -6.29
C LEU B 48 -12.81 5.16 -6.45
N THR B 49 -12.55 4.04 -5.77
CA THR B 49 -13.36 2.84 -5.86
C THR B 49 -13.91 2.35 -4.55
N GLY B 50 -13.31 2.79 -3.44
CA GLY B 50 -13.74 2.29 -2.13
C GLY B 50 -13.09 0.99 -1.63
N ALA B 51 -12.38 0.30 -2.51
CA ALA B 51 -11.69 -0.97 -2.16
C ALA B 51 -10.70 -0.79 -1.02
N GLY B 52 -10.74 -1.71 -0.06
CA GLY B 52 -9.77 -1.71 1.06
C GLY B 52 -8.68 -2.72 0.87
N THR B 53 -7.52 -2.49 1.47
CA THR B 53 -6.43 -3.43 1.40
C THR B 53 -5.51 -3.23 2.57
N GLU B 54 -4.75 -4.26 2.89
CA GLU B 54 -3.65 -4.19 3.89
C GLU B 54 -2.39 -4.60 3.18
N THR B 55 -1.29 -3.89 3.42
CA THR B 55 -0.02 -4.26 2.82
C THR B 55 1.10 -3.82 3.74
N VAL B 56 2.29 -4.32 3.46
CA VAL B 56 3.47 -3.96 4.25
C VAL B 56 4.48 -3.34 3.32
N PHE B 57 4.95 -2.17 3.69
CA PHE B 57 5.99 -1.45 2.97
C PHE B 57 7.28 -1.51 3.79
N LYS B 58 8.42 -1.39 3.09
CA LYS B 58 9.68 -1.09 3.77
C LYS B 58 9.54 0.35 4.28
N ALA B 59 10.09 0.63 5.46
CA ALA B 59 9.96 2.00 5.99
C ALA B 59 10.63 3.04 5.10
N ASP B 60 11.66 2.63 4.34
CA ASP B 60 12.29 3.56 3.42
C ASP B 60 11.77 3.53 1.96
N ASP B 61 10.73 2.74 1.67
CA ASP B 61 10.08 2.78 0.33
C ASP B 61 9.54 4.20 0.04
N LYS B 62 9.87 4.77 -1.13
CA LYS B 62 9.41 6.08 -1.55
C LYS B 62 7.97 6.07 -2.10
N LEU B 63 7.13 6.95 -1.58
CA LEU B 63 5.75 7.11 -2.03
CA LEU B 63 5.76 7.11 -2.05
C LEU B 63 5.43 8.59 -2.27
N GLU B 64 4.66 8.85 -3.32
CA GLU B 64 4.23 10.20 -3.60
C GLU B 64 2.99 10.58 -2.72
N PRO B 65 3.13 11.56 -1.81
CA PRO B 65 1.94 11.98 -1.12
C PRO B 65 0.98 12.75 -2.00
N ILE B 66 -0.31 12.57 -1.77
CA ILE B 66 -1.35 13.28 -2.52
C ILE B 66 -2.00 14.27 -1.59
N ILE B 67 -2.10 15.52 -2.03
CA ILE B 67 -2.69 16.53 -1.15
C ILE B 67 -4.18 16.71 -1.47
N LEU B 68 -5.01 16.36 -0.49
CA LEU B 68 -6.45 16.57 -0.50
C LEU B 68 -6.77 17.83 0.27
N ASP B 69 -7.83 18.47 -0.15
CA ASP B 69 -8.34 19.58 0.63
C ASP B 69 -9.60 19.05 1.29
N ARG B 70 -9.70 19.30 2.57
CA ARG B 70 -10.83 18.88 3.35
C ARG B 70 -11.48 20.20 3.80
N LYS B 71 -12.81 20.22 3.91
CA LYS B 71 -13.46 21.43 4.33
C LYS B 71 -14.70 20.99 5.07
N GLU B 72 -14.97 21.63 6.22
CA GLU B 72 -16.28 21.46 6.88
C GLU B 72 -17.32 22.14 6.00
N VAL B 73 -18.41 21.43 5.67
CA VAL B 73 -19.45 22.00 4.82
C VAL B 73 -20.78 21.84 5.52
N THR B 74 -21.67 22.79 5.27
CA THR B 74 -23.08 22.64 5.65
C THR B 74 -23.97 22.47 4.42
N TYR B 75 -25.08 21.76 4.56
CA TYR B 75 -26.02 21.58 3.43
C TYR B 75 -26.87 22.86 3.27
N SER B 76 -26.79 23.49 2.10
CA SER B 76 -27.63 24.70 1.79
C SER B 76 -29.02 24.35 1.27
N TYR B 77 -29.11 23.69 0.12
CA TYR B 77 -30.41 23.33 -0.49
C TYR B 77 -30.21 22.46 -1.71
N PHE B 78 -31.28 21.86 -2.21
CA PHE B 78 -31.23 21.02 -3.38
C PHE B 78 -31.63 21.86 -4.60
N ALA B 79 -30.65 22.24 -5.41
CA ALA B 79 -30.93 22.80 -6.73
C ALA B 79 -31.07 21.51 -7.51
N ASP B 80 -32.05 21.38 -8.37
CA ASP B 80 -32.21 20.07 -9.00
C ASP B 80 -31.40 20.14 -10.30
N PRO B 81 -30.54 19.12 -10.60
CA PRO B 81 -30.24 17.83 -9.95
C PRO B 81 -29.09 17.86 -8.92
N LEU B 82 -28.44 19.01 -8.75
CA LEU B 82 -27.28 19.13 -7.87
C LEU B 82 -27.66 19.54 -6.45
N TYR B 83 -26.79 19.27 -5.49
CA TYR B 83 -26.99 19.65 -4.10
C TYR B 83 -25.99 20.73 -3.76
N VAL B 84 -26.43 21.78 -3.06
CA VAL B 84 -25.54 22.88 -2.73
C VAL B 84 -25.11 22.84 -1.30
N PHE B 85 -23.79 22.88 -1.10
CA PHE B 85 -23.17 22.94 0.23
C PHE B 85 -22.33 24.20 0.33
N MET B 86 -22.04 24.68 1.54
CA MET B 86 -21.26 25.89 1.77
C MET B 86 -20.16 25.65 2.77
N ASP B 87 -18.99 26.21 2.51
CA ASP B 87 -17.93 26.13 3.49
C ASP B 87 -18.09 27.23 4.53
N SER B 88 -17.13 27.37 5.45
CA SER B 88 -17.29 28.27 6.59
C SER B 88 -17.22 29.76 6.29
N GLU B 89 -16.69 30.07 5.09
CA GLU B 89 -16.68 31.46 4.61
C GLU B 89 -17.69 31.62 3.48
N PHE B 90 -18.72 30.76 3.49
CA PHE B 90 -19.85 30.92 2.57
C PHE B 90 -19.58 30.73 1.08
N ASN B 91 -18.44 30.14 0.73
CA ASN B 91 -18.29 29.70 -0.63
C ASN B 91 -19.26 28.55 -0.92
N GLN B 92 -19.91 28.58 -2.09
CA GLN B 92 -20.81 27.51 -2.53
C GLN B 92 -20.16 26.40 -3.34
N TYR B 93 -20.62 25.17 -3.14
CA TYR B 93 -20.17 24.03 -3.94
C TYR B 93 -21.38 23.24 -4.40
N GLU B 94 -21.47 23.05 -5.71
CA GLU B 94 -22.59 22.28 -6.30
C GLU B 94 -22.15 20.87 -6.63
N ILE B 95 -22.73 19.92 -5.91
CA ILE B 95 -22.23 18.56 -5.87
C ILE B 95 -23.20 17.57 -6.50
N GLU B 96 -22.69 16.69 -7.37
CA GLU B 96 -23.50 15.64 -7.97
C GLU B 96 -23.86 14.54 -6.97
N LYS B 97 -25.01 13.91 -7.24
CA LYS B 97 -25.53 12.84 -6.39
C LYS B 97 -24.53 11.70 -6.19
N ASP B 98 -23.83 11.35 -7.27
CA ASP B 98 -22.82 10.28 -7.24
C ASP B 98 -21.70 10.48 -6.21
N ASP B 99 -21.48 11.72 -5.77
CA ASP B 99 -20.41 11.97 -4.82
C ASP B 99 -20.88 12.14 -3.38
N LEU B 100 -22.13 11.79 -3.13
CA LEU B 100 -22.79 12.14 -1.85
C LEU B 100 -23.28 10.94 -1.07
N GLU B 101 -22.77 9.75 -1.41
CA GLU B 101 -23.21 8.51 -0.73
C GLU B 101 -23.05 8.58 0.79
N GLY B 102 -22.17 9.46 1.23
CA GLY B 102 -21.87 9.64 2.62
C GLY B 102 -22.89 10.50 3.33
N VAL B 103 -23.79 11.14 2.59
CA VAL B 103 -24.78 12.02 3.25
C VAL B 103 -26.23 11.70 2.83
N LEU B 104 -26.40 11.12 1.64
CA LEU B 104 -27.72 10.95 1.00
C LEU B 104 -28.81 10.28 1.82
N THR B 105 -28.44 9.30 2.63
CA THR B 105 -29.47 8.61 3.39
C THR B 105 -30.19 9.52 4.41
N PHE B 106 -29.43 10.42 5.03
CA PHE B 106 -29.97 11.22 6.10
C PHE B 106 -30.06 12.69 5.80
N ILE B 107 -29.87 13.06 4.55
CA ILE B 107 -29.93 14.48 4.20
C ILE B 107 -31.38 14.95 4.38
N GLU B 108 -31.54 16.12 4.97
CA GLU B 108 -32.85 16.74 5.17
C GLU B 108 -32.81 18.25 4.94
N ASP B 109 -33.95 18.84 4.56
CA ASP B 109 -34.03 20.31 4.49
C ASP B 109 -33.64 20.94 5.82
N GLY B 110 -32.76 21.93 5.76
CA GLY B 110 -32.36 22.67 6.94
C GLY B 110 -31.39 21.91 7.83
N MET B 111 -30.82 20.84 7.32
CA MET B 111 -29.82 20.04 8.08
C MET B 111 -28.76 20.95 8.69
N THR B 112 -28.50 20.75 9.97
CA THR B 112 -27.52 21.56 10.67
C THR B 112 -26.20 20.78 10.87
N ASP B 113 -26.19 19.51 10.48
CA ASP B 113 -24.99 18.68 10.69
C ASP B 113 -23.83 19.20 9.84
N ILE B 114 -22.69 19.33 10.49
CA ILE B 114 -21.44 19.75 9.81
C ILE B 114 -20.77 18.52 9.18
N CYS B 115 -20.70 18.50 7.86
CA CYS B 115 -20.09 17.42 7.10
C CYS B 115 -18.66 17.75 6.71
N GLU B 116 -17.89 16.72 6.37
CA GLU B 116 -16.55 16.88 5.84
C GLU B 116 -16.59 16.57 4.36
N ALA B 117 -16.16 17.53 3.56
CA ALA B 117 -16.12 17.39 2.12
C ALA B 117 -14.63 17.19 1.77
N VAL B 118 -14.33 16.23 0.90
CA VAL B 118 -12.94 15.93 0.52
C VAL B 118 -12.82 16.24 -0.94
N PHE B 119 -11.79 17.03 -1.26
CA PHE B 119 -11.52 17.39 -2.63
C PHE B 119 -10.20 16.76 -3.08
N TYR B 120 -10.31 15.98 -4.14
CA TYR B 120 -9.18 15.41 -4.84
C TYR B 120 -9.16 16.09 -6.19
N ASN B 121 -8.00 16.61 -6.58
CA ASN B 121 -7.92 17.39 -7.85
C ASN B 121 -9.02 18.46 -8.03
N ASP B 122 -9.25 19.28 -6.99
CA ASP B 122 -10.20 20.41 -7.06
C ASP B 122 -11.66 20.00 -7.43
N LYS B 123 -12.12 18.85 -6.94
CA LYS B 123 -13.49 18.39 -7.21
C LYS B 123 -13.89 17.57 -5.99
N VAL B 124 -15.12 17.76 -5.49
CA VAL B 124 -15.55 17.00 -4.33
C VAL B 124 -15.62 15.53 -4.75
N ILE B 125 -15.00 14.65 -3.95
CA ILE B 125 -15.20 13.21 -4.17
C ILE B 125 -16.10 12.58 -3.12
N SER B 126 -16.23 13.24 -1.97
CA SER B 126 -17.06 12.67 -0.93
C SER B 126 -17.51 13.73 0.04
N VAL B 127 -18.70 13.51 0.63
CA VAL B 127 -19.17 14.35 1.70
C VAL B 127 -19.71 13.35 2.70
N GLU B 128 -19.22 13.47 3.93
CA GLU B 128 -19.54 12.54 5.01
C GLU B 128 -20.11 13.21 6.25
N LEU B 129 -21.18 12.62 6.78
CA LEU B 129 -21.83 13.10 7.99
C LEU B 129 -21.00 12.88 9.26
N PRO B 130 -21.31 13.58 10.35
CA PRO B 130 -20.64 13.16 11.56
C PRO B 130 -20.92 11.67 11.90
N THR B 131 -20.15 11.14 12.82
CA THR B 131 -20.31 9.73 13.18
C THR B 131 -21.66 9.44 13.83
N THR B 132 -22.14 10.34 14.68
CA THR B 132 -23.54 10.28 15.28
C THR B 132 -24.35 11.49 14.82
N ILE B 133 -25.59 11.23 14.39
CA ILE B 133 -26.52 12.32 14.16
C ILE B 133 -27.78 12.11 14.97
N VAL B 134 -28.61 13.16 15.03
CA VAL B 134 -29.89 13.06 15.73
C VAL B 134 -31.00 13.36 14.74
N ARG B 135 -32.04 12.52 14.71
CA ARG B 135 -33.18 12.79 13.85
C ARG B 135 -34.49 12.57 14.60
N GLN B 136 -35.54 13.29 14.17
CA GLN B 136 -36.87 13.14 14.78
C GLN B 136 -37.65 12.07 14.02
N ILE B 137 -38.44 11.29 14.77
CA ILE B 137 -39.33 10.26 14.21
C ILE B 137 -40.63 10.98 13.72
N ALA B 138 -40.85 10.89 12.42
CA ALA B 138 -42.02 11.47 11.79
C ALA B 138 -43.21 10.56 12.00
N TYR B 139 -42.99 9.25 11.92
CA TYR B 139 -44.09 8.30 12.09
C TYR B 139 -43.61 6.96 12.55
N THR B 140 -44.40 6.35 13.42
CA THR B 140 -44.18 4.95 13.82
C THR B 140 -45.57 4.55 14.34
N GLU B 141 -45.89 3.27 14.31
CA GLU B 141 -47.29 2.85 14.58
C GLU B 141 -47.73 3.19 16.03
N PRO B 142 -48.87 3.93 16.20
CA PRO B 142 -49.28 4.29 17.54
C PRO B 142 -49.73 3.02 18.31
N ALA B 143 -49.45 3.03 19.61
CA ALA B 143 -49.66 1.87 20.49
C ALA B 143 -51.14 1.79 20.76
N VAL B 144 -51.68 0.57 20.77
CA VAL B 144 -53.07 0.38 21.20
C VAL B 144 -53.10 -0.72 22.25
N ARG B 145 -54.24 -0.91 22.91
CA ARG B 145 -54.25 -1.93 23.97
C ARG B 145 -54.09 -3.32 23.39
N GLY B 146 -53.32 -4.14 24.10
CA GLY B 146 -53.17 -5.54 23.77
C GLY B 146 -52.13 -5.82 22.72
N ASP B 147 -51.32 -4.82 22.40
CA ASP B 147 -50.40 -4.96 21.26
C ASP B 147 -48.93 -5.29 21.54
N THR B 148 -48.57 -5.51 22.81
CA THR B 148 -47.24 -6.07 23.06
C THR B 148 -47.05 -7.44 22.41
N SER B 149 -46.19 -7.51 21.41
CA SER B 149 -45.49 -8.75 21.17
C SER B 149 -44.19 -8.60 22.00
N GLY B 150 -43.29 -9.56 21.85
CA GLY B 150 -41.99 -9.52 22.50
C GLY B 150 -40.98 -8.83 21.59
N LYS B 151 -41.46 -8.27 20.48
CA LYS B 151 -40.52 -7.66 19.51
C LYS B 151 -39.83 -6.45 20.12
N VAL B 152 -38.56 -6.28 19.80
CA VAL B 152 -37.78 -5.30 20.50
C VAL B 152 -37.55 -4.07 19.59
N MET B 153 -37.75 -4.27 18.29
CA MET B 153 -37.63 -3.12 17.34
C MET B 153 -38.87 -3.00 16.47
N LYS B 154 -39.05 -1.81 15.88
CA LYS B 154 -40.18 -1.58 14.96
C LYS B 154 -39.75 -0.56 13.89
N THR B 155 -40.51 -0.49 12.80
CA THR B 155 -40.20 0.49 11.74
C THR B 155 -40.60 1.89 12.12
N ALA B 156 -39.77 2.86 11.74
CA ALA B 156 -40.18 4.25 11.87
C ALA B 156 -39.72 4.97 10.59
N ARG B 157 -40.39 6.09 10.32
CA ARG B 157 -40.04 7.01 9.21
C ARG B 157 -39.46 8.24 9.81
N LEU B 158 -38.44 8.82 9.12
CA LEU B 158 -37.88 10.10 9.54
C LEU B 158 -38.46 11.22 8.65
N ASN B 159 -38.24 12.47 9.00
CA ASN B 159 -38.81 13.63 8.22
C ASN B 159 -38.48 13.58 6.73
N ASN B 160 -37.31 13.09 6.41
CA ASN B 160 -36.92 12.98 5.04
C ASN B 160 -37.46 11.75 4.28
N GLY B 161 -38.34 10.95 4.91
CA GLY B 161 -38.85 9.78 4.25
C GLY B 161 -38.11 8.48 4.50
N ALA B 162 -36.93 8.56 5.12
CA ALA B 162 -36.07 7.39 5.27
C ALA B 162 -36.80 6.42 6.23
N GLU B 163 -36.74 5.14 5.98
CA GLU B 163 -37.26 4.22 7.00
C GLU B 163 -36.14 3.47 7.68
N LEU B 164 -36.28 3.22 8.98
CA LEU B 164 -35.30 2.36 9.66
C LEU B 164 -35.90 1.73 10.89
N GLN B 165 -35.18 0.77 11.45
CA GLN B 165 -35.66 0.10 12.65
C GLN B 165 -35.24 0.93 13.86
N VAL B 166 -36.17 1.09 14.79
CA VAL B 166 -35.96 1.78 16.04
C VAL B 166 -36.45 0.91 17.20
N SER B 167 -36.12 1.34 18.43
CA SER B 167 -36.61 0.61 19.62
C SER B 167 -38.12 0.60 19.61
N ALA B 168 -38.69 -0.48 20.12
CA ALA B 168 -40.09 -0.56 20.21
C ALA B 168 -40.68 0.49 21.13
N PHE B 169 -39.85 1.08 21.99
CA PHE B 169 -40.29 2.10 22.93
C PHE B 169 -40.37 3.53 22.33
N CYS B 170 -39.88 3.71 21.10
CA CYS B 170 -39.94 5.06 20.47
C CYS B 170 -41.37 5.44 20.13
N GLU B 171 -41.66 6.73 20.20
CA GLU B 171 -42.98 7.24 19.82
C GLU B 171 -42.79 8.32 18.76
N ILE B 172 -43.87 8.63 18.05
CA ILE B 172 -43.90 9.77 17.11
C ILE B 172 -43.41 11.01 17.82
N GLY B 173 -42.48 11.74 17.19
CA GLY B 173 -41.98 12.94 17.85
C GLY B 173 -40.68 12.76 18.59
N ASP B 174 -40.36 11.55 19.06
CA ASP B 174 -39.06 11.34 19.72
C ASP B 174 -37.89 11.69 18.78
N SER B 175 -36.80 12.15 19.39
CA SER B 175 -35.47 12.28 18.77
C SER B 175 -34.62 11.03 19.04
N ILE B 176 -33.97 10.53 18.00
CA ILE B 176 -33.12 9.35 18.15
C ILE B 176 -31.69 9.67 17.67
N GLU B 177 -30.68 9.04 18.28
CA GLU B 177 -29.35 9.11 17.73
C GLU B 177 -29.23 8.02 16.71
N ILE B 178 -28.48 8.27 15.64
CA ILE B 178 -28.28 7.32 14.61
C ILE B 178 -26.77 7.25 14.34
N ASP B 179 -26.28 6.03 14.21
CA ASP B 179 -24.85 5.84 13.82
C ASP B 179 -24.73 5.85 12.31
N THR B 180 -24.01 6.86 11.78
CA THR B 180 -24.02 7.01 10.34
C THR B 180 -23.18 6.00 9.58
N ARG B 181 -22.18 5.40 10.25
CA ARG B 181 -21.40 4.32 9.65
C ARG B 181 -22.29 3.15 9.26
N THR B 182 -23.25 2.80 10.11
CA THR B 182 -24.12 1.66 9.84
C THR B 182 -25.53 2.04 9.32
N GLY B 183 -25.94 3.28 9.62
CA GLY B 183 -27.29 3.76 9.37
C GLY B 183 -28.28 3.26 10.41
N GLU B 184 -27.76 2.81 11.54
CA GLU B 184 -28.60 2.17 12.54
C GLU B 184 -28.93 3.04 13.72
N TYR B 185 -30.14 2.84 14.26
CA TYR B 185 -30.57 3.45 15.51
C TYR B 185 -29.56 3.14 16.62
N LYS B 186 -29.26 4.13 17.46
CA LYS B 186 -28.38 3.94 18.60
C LYS B 186 -29.20 4.07 19.90
N SER B 187 -29.98 5.15 20.02
CA SER B 187 -30.71 5.47 21.26
C SER B 187 -31.70 6.62 21.08
N ARG B 188 -32.64 6.72 22.02
CA ARG B 188 -33.49 7.86 22.21
C ARG B 188 -32.75 8.93 23.00
N VAL B 189 -33.00 10.19 22.67
CA VAL B 189 -32.51 11.29 23.49
C VAL B 189 -33.25 11.29 24.83
#